data_3LUP
#
_entry.id   3LUP
#
_cell.length_a   39.321
_cell.length_b   84.205
_cell.length_c   87.541
_cell.angle_alpha   90.00
_cell.angle_beta   90.00
_cell.angle_gamma   90.00
#
_symmetry.space_group_name_H-M   'P 21 21 21'
#
loop_
_entity.id
_entity.type
_entity.pdbx_description
1 polymer 'DegV family protein'
2 non-polymer 'Elaidic acid'
3 non-polymer GLYCEROL
4 water water
#
_entity_poly.entity_id   1
_entity_poly.type   'polypeptide(L)'
_entity_poly.pdbx_seq_one_letter_code
;SNA(MSE)KLALITDTSAYLPEAIENHEDVYVLDIPIIIDGKTYIEGQNLTLDQYYDKLAASKELPKTSQPSLAELDDLL
CQLEKEGYTHVLGLFIAAGISGFWQNIQFLIEEHPNLTIAFPDTKITSAPQGNLVRNAL(MSE)CSREG(MSE)DFDVIV
NKIQSQIEKIEGFIVVNDLNHLVKGGRLSNGSAIIGNLLSIKPVLHFNEEGKIVVYEKVRTEKKALKRLAEIVKE(MSE)
TADGEYDIAIIHSRAQDKAEQLYNLLAKAGLKDDLEIVSFGGVIATHLGEGAVAFGITPKN
;
_entity_poly.pdbx_strand_id   A
#
loop_
_chem_comp.id
_chem_comp.type
_chem_comp.name
_chem_comp.formula
ELA non-polymer 'Elaidic acid' 'C18 H34 O2'
GOL non-polymer GLYCEROL 'C3 H8 O3'
#
# COMPACT_ATOMS: atom_id res chain seq x y z
N ALA A 3 23.17 14.93 -15.88
CA ALA A 3 23.61 14.16 -14.67
C ALA A 3 22.53 14.17 -13.55
N MSE A 4 21.54 13.31 -13.69
CA MSE A 4 20.47 13.18 -12.71
C MSE A 4 20.88 12.55 -11.36
O MSE A 4 21.51 11.48 -11.33
CB MSE A 4 19.30 12.38 -13.29
CG MSE A 4 18.34 11.86 -12.25
SE MSE A 4 16.81 10.95 -13.07
CE MSE A 4 17.68 9.24 -13.49
N LYS A 5 20.55 13.22 -10.26
CA LYS A 5 20.61 12.61 -8.94
C LYS A 5 19.18 12.59 -8.41
N LEU A 6 18.62 11.39 -8.38
CA LEU A 6 17.19 11.20 -8.18
C LEU A 6 16.91 10.72 -6.76
N ALA A 7 15.93 11.36 -6.11
CA ALA A 7 15.52 10.93 -4.78
C ALA A 7 14.21 10.20 -4.86
N LEU A 8 14.03 9.22 -3.99
CA LEU A 8 12.75 8.56 -3.87
C LEU A 8 12.07 8.77 -2.54
N ILE A 9 10.86 9.31 -2.61
CA ILE A 9 10.08 9.51 -1.39
C ILE A 9 8.80 8.67 -1.37
N THR A 10 8.58 8.07 -0.20
CA THR A 10 7.44 7.24 0.05
C THR A 10 7.00 7.40 1.49
N ASP A 11 6.00 6.65 1.92
CA ASP A 11 5.55 6.72 3.29
C ASP A 11 5.60 5.33 3.88
N THR A 12 5.38 5.22 5.18
CA THR A 12 5.54 3.96 5.89
C THR A 12 4.46 2.91 5.57
N SER A 13 3.45 3.28 4.77
CA SER A 13 2.46 2.30 4.33
C SER A 13 2.98 1.41 3.22
N ALA A 14 4.04 1.86 2.55
CA ALA A 14 4.70 1.04 1.51
C ALA A 14 5.49 -0.07 2.16
N TYR A 15 5.36 -1.29 1.66
CA TYR A 15 6.18 -2.36 2.18
C TYR A 15 7.39 -2.52 1.29
N LEU A 16 8.54 -2.13 1.83
CA LEU A 16 9.79 -2.02 1.08
C LEU A 16 10.57 -3.32 1.01
N PRO A 17 10.90 -3.79 -0.22
CA PRO A 17 11.75 -4.98 -0.40
C PRO A 17 13.01 -4.90 0.47
N GLU A 18 13.59 -6.05 0.81
CA GLU A 18 14.76 -6.05 1.70
C GLU A 18 15.95 -5.22 1.14
N ALA A 19 16.21 -5.40 -0.16
CA ALA A 19 17.34 -4.76 -0.87
C ALA A 19 17.28 -3.22 -0.91
N ILE A 20 16.05 -2.69 -0.88
CA ILE A 20 15.78 -1.24 -1.01
C ILE A 20 15.65 -0.50 0.34
N GLU A 21 15.31 -1.24 1.40
CA GLU A 21 15.20 -0.71 2.77
C GLU A 21 16.06 0.55 3.05
N ASN A 22 17.36 0.33 3.31
CA ASN A 22 18.27 1.39 3.77
C ASN A 22 19.02 2.11 2.66
N HIS A 23 18.43 2.16 1.47
CA HIS A 23 19.07 2.80 0.34
C HIS A 23 19.17 4.30 0.63
N GLU A 24 20.27 4.89 0.17
CA GLU A 24 20.62 6.26 0.56
C GLU A 24 19.82 7.33 -0.20
N ASP A 25 19.12 6.92 -1.24
CA ASP A 25 18.29 7.83 -2.02
C ASP A 25 16.80 7.63 -1.74
N VAL A 26 16.51 6.82 -0.73
CA VAL A 26 15.12 6.50 -0.37
C VAL A 26 14.74 7.22 0.92
N TYR A 27 13.68 8.02 0.86
CA TYR A 27 13.17 8.74 2.04
C TYR A 27 11.74 8.33 2.36
N VAL A 28 11.48 8.06 3.64
CA VAL A 28 10.20 7.51 4.08
C VAL A 28 9.55 8.43 5.09
N LEU A 29 8.40 8.98 4.71
CA LEU A 29 7.57 9.81 5.59
C LEU A 29 6.76 8.93 6.53
N ASP A 30 6.66 9.33 7.80
CA ASP A 30 5.86 8.59 8.78
C ASP A 30 4.36 8.90 8.75
N ILE A 31 3.56 7.86 8.90
CA ILE A 31 2.10 7.99 9.04
C ILE A 31 1.67 7.76 10.50
N PRO A 32 1.13 8.79 11.14
CA PRO A 32 0.66 8.67 12.52
C PRO A 32 -0.60 7.81 12.66
N ILE A 33 -0.67 7.06 13.76
CA ILE A 33 -1.90 6.40 14.15
C ILE A 33 -2.45 7.08 15.41
N ILE A 34 -3.76 7.26 15.47
CA ILE A 34 -4.37 7.93 16.62
C ILE A 34 -5.27 6.96 17.38
N ILE A 35 -4.78 6.53 18.54
CA ILE A 35 -5.56 5.67 19.43
C ILE A 35 -6.48 6.58 20.25
N ASP A 36 -6.48 6.46 21.56
CA ASP A 36 -7.28 7.39 22.37
C ASP A 36 -6.56 8.74 22.45
N GLY A 37 -5.61 8.94 21.51
CA GLY A 37 -4.57 9.98 21.59
C GLY A 37 -3.31 9.40 22.25
N LYS A 38 -3.41 8.13 22.62
CA LYS A 38 -2.42 7.39 23.44
C LYS A 38 -1.03 7.13 22.82
N THR A 39 -1.00 6.38 21.70
CA THR A 39 0.25 6.10 20.97
C THR A 39 0.09 6.40 19.48
N TYR A 40 1.21 6.61 18.77
CA TYR A 40 1.23 7.45 17.58
C TYR A 40 2.07 7.02 16.34
N ILE A 41 3.35 6.74 16.51
CA ILE A 41 4.17 6.42 15.33
C ILE A 41 4.91 5.11 15.52
N GLU A 42 4.60 4.15 14.64
CA GLU A 42 5.25 2.84 14.65
C GLU A 42 6.75 2.99 14.48
N GLY A 43 7.52 2.32 15.33
CA GLY A 43 8.98 2.34 15.22
C GLY A 43 9.64 3.33 16.15
N GLN A 44 8.87 4.31 16.63
CA GLN A 44 9.35 5.34 17.56
C GLN A 44 8.67 5.21 18.91
N ASN A 45 7.36 5.03 18.84
CA ASN A 45 6.42 5.38 19.89
C ASN A 45 5.48 4.22 20.15
N LEU A 46 5.55 3.22 19.27
CA LEU A 46 4.59 2.13 19.22
C LEU A 46 5.16 0.96 18.42
N THR A 47 5.23 -0.20 19.07
CA THR A 47 5.59 -1.46 18.39
C THR A 47 4.33 -2.12 17.82
N LEU A 48 4.52 -3.09 16.91
CA LEU A 48 3.38 -3.80 16.35
C LEU A 48 2.61 -4.59 17.42
N ASP A 49 3.33 -5.13 18.42
CA ASP A 49 2.68 -5.89 19.49
C ASP A 49 1.89 -5.02 20.43
N GLN A 50 2.41 -3.83 20.72
CA GLN A 50 1.70 -2.85 21.55
C GLN A 50 0.44 -2.40 20.82
N TYR A 51 0.56 -2.28 19.49
CA TYR A 51 -0.54 -1.82 18.65
C TYR A 51 -1.75 -2.70 18.77
N TYR A 52 -1.56 -4.00 18.59
CA TYR A 52 -2.66 -4.96 18.66
C TYR A 52 -3.24 -5.08 20.05
N ASP A 53 -2.38 -4.97 21.06
CA ASP A 53 -2.83 -4.90 22.45
C ASP A 53 -3.71 -3.68 22.69
N LYS A 54 -3.27 -2.53 22.16
CA LYS A 54 -4.05 -1.30 22.25
C LYS A 54 -5.33 -1.37 21.42
N LEU A 55 -5.27 -2.06 20.29
CA LEU A 55 -6.47 -2.30 19.48
C LEU A 55 -7.57 -3.07 20.25
N ALA A 56 -7.22 -4.25 20.77
CA ALA A 56 -8.13 -5.06 21.59
C ALA A 56 -8.76 -4.26 22.75
N ALA A 57 -7.96 -3.42 23.41
CA ALA A 57 -8.36 -2.73 24.64
C ALA A 57 -9.17 -1.42 24.49
N SER A 58 -9.15 -0.79 23.32
CA SER A 58 -9.93 0.45 23.12
C SER A 58 -11.41 0.15 22.80
N LYS A 59 -12.30 1.07 23.19
CA LYS A 59 -13.74 0.94 22.92
C LYS A 59 -14.16 1.86 21.77
N GLU A 60 -13.15 2.55 21.21
CA GLU A 60 -13.30 3.41 20.06
C GLU A 60 -12.26 2.97 19.03
N LEU A 61 -12.60 3.04 17.73
CA LEU A 61 -11.63 2.68 16.68
C LEU A 61 -10.47 3.67 16.60
N PRO A 62 -9.27 3.17 16.24
CA PRO A 62 -8.17 4.08 15.92
C PRO A 62 -8.40 4.80 14.59
N LYS A 63 -7.70 5.94 14.42
CA LYS A 63 -7.66 6.63 13.14
C LYS A 63 -6.21 6.78 12.70
N THR A 64 -6.01 7.09 11.43
CA THR A 64 -4.71 7.53 10.99
C THR A 64 -4.83 8.96 10.48
N SER A 65 -3.68 9.60 10.27
CA SER A 65 -3.64 10.91 9.66
C SER A 65 -2.60 10.89 8.57
N GLN A 66 -2.73 11.82 7.62
CA GLN A 66 -1.80 11.98 6.52
C GLN A 66 -0.41 12.25 7.07
N PRO A 67 0.65 11.82 6.34
CA PRO A 67 1.98 12.28 6.75
C PRO A 67 2.05 13.80 6.72
N SER A 68 3.04 14.36 7.41
CA SER A 68 3.17 15.82 7.52
C SER A 68 3.54 16.52 6.18
N LEU A 69 2.71 17.47 5.76
CA LEU A 69 3.04 18.31 4.60
C LEU A 69 4.33 19.06 4.89
N ALA A 70 4.47 19.54 6.12
CA ALA A 70 5.66 20.29 6.54
C ALA A 70 6.92 19.44 6.47
N GLU A 71 6.80 18.15 6.79
CA GLU A 71 7.95 17.25 6.72
C GLU A 71 8.39 17.00 5.29
N LEU A 72 7.43 16.78 4.40
CA LEU A 72 7.71 16.69 2.98
C LEU A 72 8.38 17.96 2.49
N ASP A 73 7.75 19.09 2.79
CA ASP A 73 8.24 20.40 2.39
C ASP A 73 9.71 20.59 2.75
N ASP A 74 10.04 20.33 4.02
CA ASP A 74 11.40 20.46 4.53
C ASP A 74 12.37 19.41 3.94
N LEU A 75 11.86 18.21 3.64
CA LEU A 75 12.65 17.17 2.99
C LEU A 75 13.00 17.55 1.56
N LEU A 76 12.04 18.15 0.86
CA LEU A 76 12.25 18.60 -0.49
C LEU A 76 13.36 19.64 -0.56
N CYS A 77 13.28 20.61 0.35
CA CYS A 77 14.28 21.66 0.45
C CYS A 77 15.66 21.06 0.75
N GLN A 78 15.71 20.16 1.74
CA GLN A 78 16.93 19.43 2.12
C GLN A 78 17.56 18.65 0.95
N LEU A 79 16.72 18.01 0.14
CA LEU A 79 17.21 17.26 -1.02
C LEU A 79 17.84 18.20 -2.07
N GLU A 80 17.19 19.34 -2.30
CA GLU A 80 17.68 20.36 -3.21
C GLU A 80 19.09 20.82 -2.85
N LYS A 81 19.33 21.06 -1.56
CA LYS A 81 20.68 21.46 -1.11
C LYS A 81 21.64 20.28 -0.89
N GLU A 82 21.10 19.07 -0.83
CA GLU A 82 21.94 17.91 -0.78
C GLU A 82 22.42 17.55 -2.20
N GLY A 83 21.99 18.33 -3.20
CA GLY A 83 22.41 18.15 -4.59
C GLY A 83 21.56 17.27 -5.51
N TYR A 84 20.43 16.75 -5.03
CA TYR A 84 19.53 15.96 -5.87
C TYR A 84 18.91 16.81 -6.97
N THR A 85 18.69 16.23 -8.15
CA THR A 85 18.13 16.98 -9.28
C THR A 85 16.67 16.63 -9.59
N HIS A 86 16.30 15.38 -9.37
CA HIS A 86 14.94 14.93 -9.63
C HIS A 86 14.39 14.24 -8.40
N VAL A 87 13.06 14.23 -8.31
CA VAL A 87 12.35 13.57 -7.22
C VAL A 87 11.15 12.79 -7.74
N LEU A 88 11.05 11.52 -7.32
CA LEU A 88 9.83 10.72 -7.53
C LEU A 88 9.16 10.34 -6.22
N GLY A 89 7.96 10.89 -6.00
CA GLY A 89 7.19 10.63 -4.79
C GLY A 89 6.12 9.60 -5.07
N LEU A 90 6.24 8.44 -4.41
CA LEU A 90 5.31 7.31 -4.56
C LEU A 90 4.61 6.97 -3.23
N PHE A 91 3.49 7.65 -3.01
CA PHE A 91 2.78 7.58 -1.76
C PHE A 91 1.48 6.77 -1.88
N ILE A 92 0.95 6.43 -0.71
CA ILE A 92 -0.39 5.85 -0.54
C ILE A 92 -1.46 6.39 -1.55
N ALA A 93 -2.30 5.47 -2.05
CA ALA A 93 -3.41 5.78 -2.97
C ALA A 93 -4.22 7.05 -2.66
N ALA A 94 -4.40 7.89 -3.68
CA ALA A 94 -5.33 9.05 -3.61
C ALA A 94 -6.74 8.69 -3.13
N GLY A 95 -7.20 7.48 -3.45
CA GLY A 95 -8.55 7.00 -3.11
C GLY A 95 -8.74 6.53 -1.67
N ILE A 96 -7.67 6.52 -0.89
CA ILE A 96 -7.77 6.08 0.50
C ILE A 96 -7.14 7.08 1.48
N SER A 97 -6.88 8.29 0.99
CA SER A 97 -6.19 9.34 1.74
C SER A 97 -6.05 10.52 0.82
N GLY A 98 -6.34 11.71 1.33
CA GLY A 98 -6.23 12.94 0.55
C GLY A 98 -4.84 13.51 0.54
N PHE A 99 -3.86 12.71 0.94
CA PHE A 99 -2.48 13.14 1.00
C PHE A 99 -1.93 13.45 -0.40
N TRP A 100 -2.17 12.54 -1.33
CA TRP A 100 -1.80 12.75 -2.73
C TRP A 100 -2.31 14.08 -3.29
N GLN A 101 -3.60 14.35 -3.15
CA GLN A 101 -4.16 15.60 -3.61
C GLN A 101 -3.58 16.80 -2.85
N ASN A 102 -3.33 16.59 -1.56
CA ASN A 102 -2.84 17.66 -0.70
C ASN A 102 -1.39 18.07 -0.93
N ILE A 103 -0.57 17.17 -1.45
CA ILE A 103 0.84 17.48 -1.69
C ILE A 103 1.13 18.10 -3.04
N GLN A 104 0.12 18.17 -3.92
CA GLN A 104 0.35 18.54 -5.34
C GLN A 104 0.88 19.96 -5.54
N PHE A 105 0.45 20.89 -4.70
CA PHE A 105 0.87 22.27 -4.83
C PHE A 105 2.38 22.39 -4.61
N LEU A 106 2.93 21.45 -3.85
CA LEU A 106 4.36 21.47 -3.52
C LEU A 106 5.30 21.42 -4.72
N ILE A 107 4.84 20.82 -5.82
CA ILE A 107 5.63 20.79 -7.05
C ILE A 107 5.96 22.21 -7.58
N GLU A 108 5.00 23.11 -7.49
CA GLU A 108 5.21 24.52 -7.87
C GLU A 108 6.07 25.32 -6.88
N GLU A 109 6.15 24.83 -5.63
CA GLU A 109 6.87 25.52 -4.54
C GLU A 109 8.37 25.18 -4.50
N HIS A 110 8.78 24.16 -5.27
CA HIS A 110 10.19 23.78 -5.40
C HIS A 110 10.62 23.71 -6.86
N PRO A 111 10.70 24.89 -7.51
CA PRO A 111 10.96 24.90 -8.95
C PRO A 111 12.37 24.45 -9.34
N ASN A 112 13.28 24.36 -8.36
CA ASN A 112 14.65 23.92 -8.61
C ASN A 112 14.85 22.41 -8.66
N LEU A 113 13.78 21.64 -8.49
CA LEU A 113 13.80 20.19 -8.70
C LEU A 113 12.75 19.80 -9.72
N THR A 114 13.01 18.71 -10.44
CA THR A 114 12.01 18.10 -11.30
C THR A 114 11.37 17.00 -10.49
N ILE A 115 10.05 17.13 -10.28
CA ILE A 115 9.32 16.35 -9.28
C ILE A 115 8.09 15.70 -9.89
N ALA A 116 7.93 14.41 -9.66
CA ALA A 116 6.68 13.74 -10.07
C ALA A 116 6.09 12.96 -8.91
N PHE A 117 4.83 13.26 -8.60
CA PHE A 117 4.08 12.54 -7.59
C PHE A 117 2.90 11.81 -8.23
N PRO A 118 3.17 10.76 -9.06
CA PRO A 118 2.03 10.05 -9.68
C PRO A 118 1.18 9.31 -8.64
N ASP A 119 -0.11 9.20 -8.91
CA ASP A 119 -0.99 8.51 -7.98
C ASP A 119 -0.73 7.01 -8.11
N THR A 120 -0.29 6.42 -7.02
CA THR A 120 0.10 5.01 -7.05
C THR A 120 -1.12 4.11 -7.06
N LYS A 121 -2.24 4.61 -6.54
CA LYS A 121 -3.51 3.87 -6.50
C LYS A 121 -3.40 2.56 -5.72
N ILE A 122 -2.36 2.45 -4.91
CA ILE A 122 -2.14 1.24 -4.12
C ILE A 122 -1.41 1.56 -2.81
N THR A 123 -0.98 0.54 -2.10
CA THR A 123 -0.22 0.72 -0.88
C THR A 123 0.45 -0.60 -0.55
N SER A 124 1.01 -0.72 0.65
CA SER A 124 1.66 -1.96 1.07
C SER A 124 2.73 -2.35 0.03
N ALA A 125 2.74 -3.63 -0.39
CA ALA A 125 3.87 -4.22 -1.12
C ALA A 125 4.03 -3.77 -2.58
N PRO A 126 2.91 -3.64 -3.33
CA PRO A 126 3.02 -3.05 -4.66
C PRO A 126 3.64 -1.66 -4.65
N GLN A 127 3.28 -0.86 -3.67
CA GLN A 127 3.87 0.47 -3.50
C GLN A 127 5.38 0.36 -3.36
N GLY A 128 5.83 -0.55 -2.50
CA GLY A 128 7.24 -0.70 -2.17
C GLY A 128 7.98 -1.21 -3.38
N ASN A 129 7.36 -2.13 -4.08
CA ASN A 129 7.87 -2.62 -5.37
C ASN A 129 8.06 -1.50 -6.40
N LEU A 130 7.14 -0.53 -6.45
CA LEU A 130 7.30 0.62 -7.33
C LEU A 130 8.56 1.41 -7.04
N VAL A 131 8.81 1.63 -5.76
CA VAL A 131 10.00 2.32 -5.33
C VAL A 131 11.24 1.57 -5.84
N ARG A 132 11.34 0.30 -5.45
CA ARG A 132 12.37 -0.59 -5.95
C ARG A 132 12.52 -0.56 -7.48
N ASN A 133 11.41 -0.67 -8.20
CA ASN A 133 11.43 -0.64 -9.67
C ASN A 133 12.06 0.64 -10.21
N ALA A 134 11.61 1.77 -9.67
CA ALA A 134 12.10 3.06 -10.12
C ALA A 134 13.61 3.15 -9.88
N LEU A 135 14.06 2.52 -8.80
CA LEU A 135 15.49 2.47 -8.48
C LEU A 135 16.32 1.74 -9.52
N MSE A 136 15.90 0.54 -9.90
CA MSE A 136 16.61 -0.23 -10.93
C MSE A 136 16.58 0.48 -12.29
O MSE A 136 17.53 0.37 -13.07
CB MSE A 136 16.06 -1.66 -11.05
CG MSE A 136 15.78 -2.44 -9.77
SE MSE A 136 14.71 -4.07 -10.22
CE MSE A 136 16.10 -5.10 -11.15
N CYS A 137 15.49 1.20 -12.58
CA CYS A 137 15.35 2.01 -13.80
C CYS A 137 16.38 3.15 -13.83
N SER A 138 16.54 3.81 -12.69
CA SER A 138 17.54 4.84 -12.48
C SER A 138 18.92 4.24 -12.67
N ARG A 139 19.14 3.10 -12.01
CA ARG A 139 20.40 2.37 -12.08
C ARG A 139 20.67 1.80 -13.49
N GLU A 140 19.67 1.89 -14.38
CA GLU A 140 19.80 1.40 -15.75
C GLU A 140 20.08 2.52 -16.77
N GLY A 141 20.17 3.76 -16.26
CA GLY A 141 20.50 4.93 -17.09
C GLY A 141 19.31 5.58 -17.78
N MSE A 142 18.11 5.35 -17.24
CA MSE A 142 16.87 5.80 -17.86
C MSE A 142 16.54 7.25 -17.49
O MSE A 142 16.78 7.67 -16.34
CB MSE A 142 15.74 4.86 -17.41
CG MSE A 142 14.69 4.51 -18.47
SE MSE A 142 13.21 3.41 -17.70
CE MSE A 142 14.21 1.76 -17.37
N ASP A 143 16.03 8.01 -18.44
CA ASP A 143 15.64 9.42 -18.23
C ASP A 143 14.42 9.50 -17.33
N PHE A 144 14.36 10.59 -16.58
CA PHE A 144 13.30 10.83 -15.63
C PHE A 144 11.91 10.63 -16.23
N ASP A 145 11.63 11.25 -17.38
CA ASP A 145 10.30 11.09 -18.01
C ASP A 145 9.97 9.66 -18.38
N VAL A 146 10.99 8.92 -18.81
CA VAL A 146 10.86 7.52 -19.15
C VAL A 146 10.59 6.66 -17.90
N ILE A 147 11.32 6.93 -16.82
CA ILE A 147 11.10 6.20 -15.58
C ILE A 147 9.66 6.43 -15.15
N VAL A 148 9.28 7.71 -15.00
CA VAL A 148 7.91 8.14 -14.65
C VAL A 148 6.86 7.45 -15.51
N ASN A 149 7.20 7.32 -16.78
CA ASN A 149 6.39 6.64 -17.76
C ASN A 149 6.20 5.18 -17.41
N LYS A 150 7.33 4.48 -17.25
CA LYS A 150 7.34 3.06 -16.92
C LYS A 150 6.59 2.80 -15.62
N ILE A 151 6.75 3.71 -14.65
CA ILE A 151 6.08 3.53 -13.39
C ILE A 151 4.56 3.75 -13.49
N GLN A 152 4.12 4.77 -14.24
CA GLN A 152 2.70 4.99 -14.48
C GLN A 152 1.97 3.83 -15.14
N SER A 153 2.60 3.25 -16.17
CA SER A 153 2.06 2.04 -16.81
C SER A 153 2.11 0.84 -15.86
N GLN A 154 3.09 0.80 -14.96
CA GLN A 154 3.17 -0.23 -13.94
C GLN A 154 2.07 -0.05 -12.91
N ILE A 155 1.82 1.20 -12.53
CA ILE A 155 0.70 1.53 -11.67
C ILE A 155 -0.61 0.99 -12.25
N GLU A 156 -0.71 0.90 -13.57
CA GLU A 156 -1.90 0.37 -14.26
C GLU A 156 -2.10 -1.14 -14.17
N LYS A 157 -1.03 -1.89 -13.96
CA LYS A 157 -1.15 -3.34 -13.96
C LYS A 157 -1.22 -3.89 -12.55
N ILE A 158 -0.79 -3.10 -11.57
CA ILE A 158 -0.89 -3.45 -10.16
C ILE A 158 -2.34 -3.75 -9.77
N GLU A 159 -2.52 -4.73 -8.90
CA GLU A 159 -3.84 -5.12 -8.43
C GLU A 159 -3.71 -5.40 -6.95
N GLY A 160 -4.78 -5.13 -6.20
CA GLY A 160 -4.80 -5.40 -4.77
C GLY A 160 -6.16 -5.90 -4.36
N PHE A 161 -6.22 -7.16 -3.94
CA PHE A 161 -7.48 -7.80 -3.53
C PHE A 161 -7.42 -8.17 -2.04
N ILE A 162 -8.55 -8.06 -1.36
CA ILE A 162 -8.60 -8.18 0.10
C ILE A 162 -9.82 -8.95 0.56
N VAL A 163 -9.65 -9.74 1.61
CA VAL A 163 -10.78 -10.34 2.29
C VAL A 163 -10.56 -10.07 3.76
N VAL A 164 -11.51 -9.37 4.37
CA VAL A 164 -11.34 -8.95 5.74
C VAL A 164 -12.10 -9.86 6.70
N ASN A 165 -11.73 -9.80 7.97
CA ASN A 165 -12.43 -10.59 8.94
C ASN A 165 -13.72 -9.89 9.38
N ASP A 166 -13.61 -8.59 9.67
CA ASP A 166 -14.80 -7.81 9.99
C ASP A 166 -14.73 -6.42 9.36
N LEU A 167 -15.87 -6.02 8.82
CA LEU A 167 -15.94 -4.87 7.93
C LEU A 167 -16.05 -3.51 8.61
N ASN A 168 -16.24 -3.48 9.92
CA ASN A 168 -16.39 -2.22 10.65
C ASN A 168 -15.26 -1.25 10.39
N HIS A 169 -14.02 -1.75 10.47
CA HIS A 169 -12.84 -0.96 10.19
C HIS A 169 -12.94 -0.28 8.84
N LEU A 170 -13.21 -1.06 7.80
CA LEU A 170 -13.33 -0.50 6.47
C LEU A 170 -14.50 0.46 6.25
N VAL A 171 -15.64 0.17 6.89
CA VAL A 171 -16.85 0.97 6.72
C VAL A 171 -16.75 2.26 7.54
N LYS A 172 -16.50 2.11 8.84
CA LYS A 172 -16.48 3.24 9.76
C LYS A 172 -15.24 4.12 9.60
N GLY A 173 -14.11 3.48 9.31
CA GLY A 173 -12.87 4.19 8.93
C GLY A 173 -13.08 4.95 7.64
N GLY A 174 -13.94 4.41 6.77
CA GLY A 174 -14.42 5.13 5.61
C GLY A 174 -13.71 4.84 4.30
N ARG A 175 -12.81 3.85 4.30
CA ARG A 175 -12.04 3.57 3.06
C ARG A 175 -12.75 2.62 2.10
N LEU A 176 -13.74 1.89 2.60
CA LEU A 176 -14.68 1.19 1.72
C LEU A 176 -15.69 2.21 1.17
N SER A 177 -15.76 2.30 -0.16
CA SER A 177 -16.63 3.30 -0.80
C SER A 177 -18.08 2.89 -0.69
N ASN A 178 -18.93 3.89 -0.44
CA ASN A 178 -20.39 3.76 -0.22
C ASN A 178 -20.70 2.76 0.92
N GLY A 179 -19.73 2.56 1.80
CA GLY A 179 -19.74 1.50 2.81
C GLY A 179 -20.94 1.49 3.75
N SER A 180 -21.33 2.66 4.23
CA SER A 180 -22.45 2.77 5.15
C SER A 180 -23.79 2.44 4.46
N ALA A 181 -23.83 2.58 3.14
CA ALA A 181 -25.02 2.22 2.36
C ALA A 181 -25.09 0.73 2.02
N ILE A 182 -23.93 0.08 1.88
CA ILE A 182 -23.87 -1.32 1.48
C ILE A 182 -23.52 -2.31 2.61
N ILE A 183 -23.19 -1.81 3.80
CA ILE A 183 -22.70 -2.66 4.89
C ILE A 183 -23.71 -3.76 5.31
N GLY A 184 -24.99 -3.39 5.42
CA GLY A 184 -26.05 -4.32 5.77
C GLY A 184 -26.12 -5.57 4.88
N ASN A 185 -25.69 -5.42 3.63
CA ASN A 185 -25.68 -6.52 2.66
C ASN A 185 -24.45 -7.43 2.73
N LEU A 186 -23.36 -6.91 3.31
CA LEU A 186 -22.12 -7.65 3.32
C LEU A 186 -21.83 -8.33 4.65
N LEU A 187 -22.59 -8.00 5.68
CA LEU A 187 -22.29 -8.50 7.03
C LEU A 187 -22.31 -10.02 7.21
N SER A 188 -23.26 -10.70 6.57
CA SER A 188 -23.41 -12.15 6.70
C SER A 188 -22.50 -12.97 5.81
N ILE A 189 -21.68 -12.31 5.01
CA ILE A 189 -20.93 -13.00 3.97
C ILE A 189 -19.45 -12.59 4.00
N LYS A 190 -18.65 -13.16 3.10
CA LYS A 190 -17.21 -12.87 3.04
C LYS A 190 -16.85 -12.29 1.67
N PRO A 191 -17.08 -10.98 1.48
CA PRO A 191 -16.85 -10.35 0.16
C PRO A 191 -15.38 -10.23 -0.18
N VAL A 192 -15.09 -10.34 -1.48
CA VAL A 192 -13.78 -10.04 -2.02
C VAL A 192 -13.79 -8.57 -2.46
N LEU A 193 -12.80 -7.83 -1.99
CA LEU A 193 -12.67 -6.40 -2.26
C LEU A 193 -11.42 -6.17 -3.07
N HIS A 194 -11.39 -5.07 -3.80
CA HIS A 194 -10.22 -4.70 -4.57
C HIS A 194 -10.08 -3.20 -4.74
N PHE A 195 -8.96 -2.76 -5.30
CA PHE A 195 -8.76 -1.37 -5.67
C PHE A 195 -9.31 -1.03 -7.05
N ASN A 196 -10.13 0.02 -7.10
CA ASN A 196 -10.68 0.62 -8.31
C ASN A 196 -9.68 1.05 -9.40
N GLU A 197 -10.23 1.49 -10.52
CA GLU A 197 -9.44 2.24 -11.49
C GLU A 197 -9.02 3.59 -10.89
N GLU A 198 -9.79 4.11 -9.94
CA GLU A 198 -9.46 5.34 -9.20
C GLU A 198 -8.67 5.05 -7.92
N GLY A 199 -8.33 3.79 -7.69
CA GLY A 199 -7.62 3.40 -6.50
C GLY A 199 -8.48 3.43 -5.24
N LYS A 200 -9.79 3.29 -5.39
CA LYS A 200 -10.71 3.20 -4.26
C LYS A 200 -10.95 1.74 -3.90
N ILE A 201 -11.23 1.48 -2.64
CA ILE A 201 -11.59 0.13 -2.28
C ILE A 201 -13.09 -0.04 -2.49
N VAL A 202 -13.43 -1.00 -3.34
CA VAL A 202 -14.82 -1.32 -3.68
C VAL A 202 -14.98 -2.84 -3.55
N VAL A 203 -16.24 -3.30 -3.54
CA VAL A 203 -16.49 -4.73 -3.49
C VAL A 203 -16.32 -5.30 -4.89
N TYR A 204 -15.39 -6.23 -5.02
CA TYR A 204 -15.23 -6.95 -6.27
C TYR A 204 -16.36 -7.98 -6.42
N GLU A 205 -16.53 -8.85 -5.42
CA GLU A 205 -17.45 -9.98 -5.53
C GLU A 205 -18.06 -10.36 -4.16
N LYS A 206 -19.37 -10.63 -4.14
CA LYS A 206 -20.02 -11.23 -2.97
C LYS A 206 -19.66 -12.71 -2.96
N VAL A 207 -18.91 -13.14 -1.96
CA VAL A 207 -18.60 -14.56 -1.78
C VAL A 207 -19.17 -14.96 -0.43
N ARG A 208 -19.81 -16.11 -0.36
CA ARG A 208 -20.57 -16.44 0.83
C ARG A 208 -19.77 -17.00 2.00
N THR A 209 -18.76 -17.81 1.71
CA THR A 209 -17.95 -18.43 2.76
C THR A 209 -16.50 -18.01 2.71
N GLU A 210 -15.80 -18.14 3.84
CA GLU A 210 -14.38 -17.81 3.92
C GLU A 210 -13.54 -18.76 3.07
N LYS A 211 -13.89 -20.05 3.12
CA LYS A 211 -13.28 -21.09 2.28
C LYS A 211 -13.32 -20.66 0.83
N LYS A 212 -14.53 -20.40 0.31
CA LYS A 212 -14.67 -20.00 -1.09
C LYS A 212 -14.02 -18.66 -1.33
N ALA A 213 -14.03 -17.78 -0.33
CA ALA A 213 -13.36 -16.48 -0.47
C ALA A 213 -11.88 -16.67 -0.82
N LEU A 214 -11.19 -17.51 -0.05
CA LEU A 214 -9.75 -17.69 -0.25
C LEU A 214 -9.49 -18.37 -1.58
N LYS A 215 -10.31 -19.38 -1.92
CA LYS A 215 -10.20 -20.09 -3.18
C LYS A 215 -10.41 -19.13 -4.34
N ARG A 216 -11.45 -18.31 -4.21
CA ARG A 216 -11.70 -17.24 -5.17
C ARG A 216 -10.52 -16.25 -5.34
N LEU A 217 -9.84 -15.90 -4.25
CA LEU A 217 -8.62 -15.07 -4.35
C LEU A 217 -7.53 -15.72 -5.22
N ALA A 218 -7.24 -17.00 -4.96
CA ALA A 218 -6.28 -17.76 -5.77
C ALA A 218 -6.66 -17.78 -7.24
N GLU A 219 -7.94 -17.96 -7.55
CA GLU A 219 -8.39 -17.93 -8.94
C GLU A 219 -8.18 -16.56 -9.58
N ILE A 220 -8.40 -15.51 -8.79
CA ILE A 220 -8.28 -14.13 -9.26
C ILE A 220 -6.84 -13.80 -9.60
N VAL A 221 -5.90 -14.23 -8.76
CA VAL A 221 -4.46 -14.09 -9.03
C VAL A 221 -4.09 -14.70 -10.39
N LYS A 222 -4.68 -15.84 -10.71
CA LYS A 222 -4.34 -16.57 -11.91
C LYS A 222 -4.82 -15.80 -13.13
N GLU A 223 -5.99 -15.16 -12.98
CA GLU A 223 -6.56 -14.32 -14.04
C GLU A 223 -5.73 -13.08 -14.25
N MSE A 224 -5.48 -12.38 -13.13
CA MSE A 224 -4.79 -11.11 -13.15
C MSE A 224 -3.36 -11.19 -13.70
O MSE A 224 -2.89 -10.24 -14.33
CB MSE A 224 -4.82 -10.49 -11.75
CG MSE A 224 -6.24 -10.26 -11.25
SE MSE A 224 -7.23 -8.83 -12.18
CE MSE A 224 -8.85 -9.81 -12.65
N THR A 225 -2.69 -12.31 -13.45
CA THR A 225 -1.26 -12.46 -13.80
C THR A 225 -1.05 -13.11 -15.15
N ALA A 226 -2.15 -13.36 -15.87
CA ALA A 226 -2.09 -14.03 -17.18
C ALA A 226 -1.36 -13.22 -18.24
N ASP A 227 -1.29 -11.91 -18.06
CA ASP A 227 -0.76 -11.03 -19.11
C ASP A 227 0.74 -10.64 -18.98
N GLY A 228 1.46 -11.21 -18.02
CA GLY A 228 2.86 -10.92 -17.90
C GLY A 228 3.50 -11.49 -16.66
N GLU A 229 4.65 -10.94 -16.30
CA GLU A 229 5.43 -11.46 -15.18
C GLU A 229 5.27 -10.55 -13.95
N TYR A 230 4.72 -11.11 -12.87
CA TYR A 230 4.38 -10.31 -11.69
C TYR A 230 5.05 -10.76 -10.41
N ASP A 231 5.55 -9.80 -9.64
CA ASP A 231 5.85 -10.07 -8.23
C ASP A 231 4.52 -10.18 -7.47
N ILE A 232 4.32 -11.30 -6.76
CA ILE A 232 3.08 -11.52 -5.99
C ILE A 232 3.30 -11.54 -4.47
N ALA A 233 2.44 -10.83 -3.74
CA ALA A 233 2.59 -10.70 -2.29
C ALA A 233 1.29 -11.11 -1.62
N ILE A 234 1.37 -12.05 -0.68
CA ILE A 234 0.24 -12.30 0.21
C ILE A 234 0.50 -11.51 1.48
N ILE A 235 -0.48 -10.72 1.89
CA ILE A 235 -0.28 -9.79 3.00
C ILE A 235 -1.40 -10.00 4.00
N HIS A 236 -1.08 -10.00 5.29
CA HIS A 236 -2.08 -10.27 6.30
C HIS A 236 -1.86 -9.45 7.56
N SER A 237 -2.94 -9.20 8.30
CA SER A 237 -2.84 -8.59 9.61
C SER A 237 -3.13 -9.64 10.69
N ARG A 238 -2.09 -10.38 11.07
CA ARG A 238 -2.21 -11.50 12.03
C ARG A 238 -3.24 -12.55 11.57
N ALA A 239 -3.08 -13.01 10.33
CA ALA A 239 -3.93 -14.03 9.72
C ALA A 239 -3.03 -15.04 9.02
N GLN A 240 -1.99 -15.44 9.75
CA GLN A 240 -1.03 -16.48 9.37
C GLN A 240 -1.65 -17.65 8.59
N ASP A 241 -2.67 -18.27 9.18
CA ASP A 241 -3.32 -19.42 8.60
C ASP A 241 -4.06 -19.13 7.29
N LYS A 242 -4.71 -17.96 7.21
CA LYS A 242 -5.40 -17.56 5.99
C LYS A 242 -4.40 -17.31 4.85
N ALA A 243 -3.22 -16.81 5.20
CA ALA A 243 -2.16 -16.53 4.22
C ALA A 243 -1.43 -17.78 3.74
N GLU A 244 -1.14 -18.71 4.66
CA GLU A 244 -0.53 -20.00 4.30
C GLU A 244 -1.48 -20.81 3.44
N GLN A 245 -2.76 -20.75 3.76
CA GLN A 245 -3.81 -21.34 2.96
C GLN A 245 -3.76 -20.80 1.53
N LEU A 246 -3.87 -19.48 1.39
CA LEU A 246 -3.83 -18.85 0.07
C LEU A 246 -2.52 -19.17 -0.64
N TYR A 247 -1.43 -19.20 0.11
CA TYR A 247 -0.11 -19.55 -0.41
C TYR A 247 -0.14 -20.93 -1.06
N ASN A 248 -0.74 -21.88 -0.35
CA ASN A 248 -0.88 -23.25 -0.85
C ASN A 248 -1.77 -23.32 -2.07
N LEU A 249 -2.91 -22.62 -2.04
CA LEU A 249 -3.78 -22.53 -3.20
C LEU A 249 -3.02 -22.01 -4.42
N LEU A 250 -2.13 -21.04 -4.21
CA LEU A 250 -1.31 -20.48 -5.28
C LEU A 250 -0.10 -21.35 -5.62
N ALA A 251 0.37 -22.10 -4.62
CA ALA A 251 1.44 -23.07 -4.84
C ALA A 251 0.93 -24.16 -5.77
N LYS A 252 -0.25 -24.69 -5.45
CA LYS A 252 -0.91 -25.68 -6.28
C LYS A 252 -1.13 -25.16 -7.70
N ALA A 253 -1.50 -23.89 -7.82
CA ALA A 253 -1.84 -23.35 -9.14
C ALA A 253 -0.60 -23.12 -10.05
N GLY A 254 0.60 -23.31 -9.49
CA GLY A 254 1.85 -23.11 -10.22
C GLY A 254 2.57 -21.77 -10.02
N LEU A 255 2.12 -20.97 -9.05
CA LEU A 255 2.57 -19.58 -8.88
C LEU A 255 3.50 -19.32 -7.70
N LYS A 256 4.05 -20.40 -7.12
CA LYS A 256 4.94 -20.36 -5.95
C LYS A 256 6.16 -19.44 -6.11
N ASP A 257 6.62 -19.26 -7.35
CA ASP A 257 7.98 -18.73 -7.58
C ASP A 257 8.21 -17.27 -7.21
N ASP A 258 7.27 -16.41 -7.57
CA ASP A 258 7.34 -15.00 -7.17
C ASP A 258 6.26 -14.72 -6.11
N LEU A 259 6.28 -15.52 -5.05
CA LEU A 259 5.25 -15.48 -4.02
C LEU A 259 5.90 -15.33 -2.63
N GLU A 260 5.51 -14.26 -1.95
CA GLU A 260 6.10 -13.91 -0.66
C GLU A 260 4.98 -13.61 0.31
N ILE A 261 5.15 -13.99 1.56
CA ILE A 261 4.19 -13.63 2.63
C ILE A 261 4.76 -12.50 3.50
N VAL A 262 3.98 -11.42 3.63
CA VAL A 262 4.41 -10.25 4.37
C VAL A 262 3.23 -9.73 5.19
N SER A 263 3.56 -8.99 6.25
CA SER A 263 2.56 -8.41 7.14
C SER A 263 2.17 -6.97 6.84
N PHE A 264 0.98 -6.60 7.31
CA PHE A 264 0.56 -5.21 7.38
C PHE A 264 1.13 -4.60 8.67
N GLY A 265 1.23 -3.27 8.71
CA GLY A 265 1.53 -2.53 9.94
C GLY A 265 0.23 -1.96 10.53
N GLY A 266 0.37 -1.13 11.56
CA GLY A 266 -0.77 -0.59 12.30
C GLY A 266 -1.58 0.36 11.47
N VAL A 267 -0.92 1.00 10.50
CA VAL A 267 -1.59 1.93 9.59
C VAL A 267 -2.74 1.23 8.85
N ILE A 268 -2.43 0.12 8.17
CA ILE A 268 -3.42 -0.65 7.39
C ILE A 268 -4.28 -1.57 8.26
N ALA A 269 -3.72 -2.17 9.30
CA ALA A 269 -4.50 -2.89 10.31
C ALA A 269 -5.65 -2.00 10.86
N THR A 270 -5.36 -0.74 11.17
CA THR A 270 -6.39 0.23 11.55
C THR A 270 -7.61 0.24 10.62
N HIS A 271 -7.40 0.17 9.31
CA HIS A 271 -8.51 0.29 8.35
C HIS A 271 -9.09 -1.05 7.92
N LEU A 272 -8.28 -2.10 8.03
CA LEU A 272 -8.70 -3.41 7.61
C LEU A 272 -9.23 -4.25 8.77
N GLY A 273 -8.75 -3.96 9.98
CA GLY A 273 -9.03 -4.77 11.14
C GLY A 273 -7.99 -5.87 11.23
N GLU A 274 -7.98 -6.57 12.37
CA GLU A 274 -7.18 -7.77 12.53
C GLU A 274 -7.90 -8.92 11.82
N GLY A 275 -7.14 -9.96 11.47
CA GLY A 275 -7.65 -11.11 10.73
C GLY A 275 -7.80 -10.90 9.22
N ALA A 276 -7.36 -9.75 8.69
CA ALA A 276 -7.45 -9.49 7.25
C ALA A 276 -6.40 -10.26 6.44
N VAL A 277 -6.75 -10.63 5.19
CA VAL A 277 -5.80 -11.22 4.24
C VAL A 277 -6.01 -10.58 2.86
N ALA A 278 -4.92 -10.39 2.13
CA ALA A 278 -4.95 -9.68 0.85
C ALA A 278 -3.87 -10.23 -0.06
N PHE A 279 -3.97 -9.93 -1.34
CA PHE A 279 -2.79 -10.05 -2.18
C PHE A 279 -2.56 -8.75 -2.95
N GLY A 280 -1.32 -8.56 -3.38
CA GLY A 280 -1.00 -7.48 -4.30
C GLY A 280 -0.03 -8.01 -5.33
N ILE A 281 -0.25 -7.63 -6.60
CA ILE A 281 0.67 -7.96 -7.69
C ILE A 281 1.28 -6.70 -8.30
N THR A 282 2.51 -6.83 -8.77
CA THR A 282 3.24 -5.76 -9.40
C THR A 282 3.98 -6.34 -10.59
N PRO A 283 3.93 -5.65 -11.74
CA PRO A 283 4.72 -6.09 -12.90
C PRO A 283 6.20 -6.15 -12.56
N LYS A 284 6.89 -7.16 -13.07
CA LYS A 284 8.34 -7.17 -12.98
C LYS A 284 8.94 -6.06 -13.83
N ASN A 285 9.95 -5.43 -13.25
CA ASN A 285 10.77 -4.43 -13.92
C ASN A 285 11.54 -5.04 -15.09
CA ELA B . -5.81 9.75 6.07
C ELA B . -6.76 10.60 6.91
O ELA B . -7.52 10.12 7.80
C3 ELA B . -4.73 9.05 6.88
C4 ELA B . -3.64 8.48 5.98
C5 ELA B . -3.43 6.96 6.19
C6 ELA B . -4.41 6.15 5.35
C7 ELA B . -4.58 4.67 5.71
C8 ELA B . -5.65 4.04 4.81
C9 ELA B . -5.31 2.59 4.47
C10 ELA B . -6.30 1.68 3.84
C11 ELA B . -6.14 0.18 4.01
C12 ELA B . -6.25 -0.59 2.70
C13 ELA B . -4.94 -1.21 2.26
C14 ELA B . -5.13 -2.49 1.47
C15 ELA B . -3.76 -3.11 1.13
C16 ELA B . -3.82 -4.22 0.08
C17 ELA B . -3.03 -3.83 -1.17
C18 ELA B . -2.30 -5.02 -1.79
OXT ELA B . -6.82 11.83 6.69
C1 GOL C . 11.10 12.83 7.60
O1 GOL C . 11.96 12.67 6.49
C2 GOL C . 10.87 11.46 8.20
O2 GOL C . 12.07 10.95 8.75
C3 GOL C . 9.81 11.54 9.30
O3 GOL C . 8.56 11.16 8.76
#